data_2WF9
#
_entry.id   2WF9
#
_cell.length_a   32.100
_cell.length_b   72.700
_cell.length_c   85.200
_cell.angle_alpha   90.00
_cell.angle_beta   90.00
_cell.angle_gamma   90.00
#
_symmetry.space_group_name_H-M   'P 21 21 21'
#
loop_
_entity.id
_entity.type
_entity.pdbx_description
1 polymer BETA-PHOSPHOGLUCOMUTASE
2 non-polymer 'MAGNESIUM ION'
3 non-polymer 6-O-phosphono-alpha-D-glucopyranose
4 non-polymer 6-O-phosphono-beta-D-glucopyranose
5 non-polymer 'BERYLLIUM TRIFLUORIDE ION'
6 non-polymer 'SODIUM ION'
7 water water
#
_entity_poly.entity_id   1
_entity_poly.type   'polypeptide(L)'
_entity_poly.pdbx_seq_one_letter_code
;MFKAVLFDLDGVITDTAEYHFRAWKALAEEIGINGVDRQFNEQLKGVSREDSLQKILDLADKKVSAEEFKELAKRKNDNY
VKMIQDVSPADVYPGILQLLKDLRSNKIKIALASASKNGPFLLERMNLTGYFDAIADPAEVAASKPAPDIFIAAAHAVGV
APSESIGLEDSQAGIQAIKDSGALPIGVGRPEDLGDDIVIVPDTSHYTLEFLKEVWLQKQK
;
_entity_poly.pdbx_strand_id   A
#
loop_
_chem_comp.id
_chem_comp.type
_chem_comp.name
_chem_comp.formula
BEF non-polymer 'BERYLLIUM TRIFLUORIDE ION' 'Be F3 -1'
BG6 D-saccharide, beta linking 6-O-phosphono-beta-D-glucopyranose 'C6 H13 O9 P'
G6P D-saccharide, alpha linking 6-O-phosphono-alpha-D-glucopyranose 'C6 H13 O9 P'
MG non-polymer 'MAGNESIUM ION' 'Mg 2'
NA non-polymer 'SODIUM ION' 'Na 1'
#
# COMPACT_ATOMS: atom_id res chain seq x y z
N MET A 1 9.34 5.14 -22.61
CA MET A 1 9.19 3.95 -21.72
CA MET A 1 9.22 3.95 -21.72
C MET A 1 9.27 4.44 -20.29
N PHE A 2 8.48 3.81 -19.41
CA PHE A 2 8.51 4.20 -18.00
C PHE A 2 9.84 3.78 -17.37
N LYS A 3 10.27 4.57 -16.39
CA LYS A 3 11.56 4.35 -15.72
C LYS A 3 11.43 3.71 -14.33
N ALA A 4 10.21 3.67 -13.79
CA ALA A 4 10.00 3.16 -12.43
C ALA A 4 8.60 2.64 -12.23
N VAL A 5 8.46 1.68 -11.32
CA VAL A 5 7.15 1.23 -10.87
C VAL A 5 7.10 1.44 -9.36
N LEU A 6 6.03 2.08 -8.92
CA LEU A 6 5.83 2.46 -7.52
C LEU A 6 4.73 1.56 -6.96
N PHE A 7 5.12 0.67 -6.05
CA PHE A 7 4.23 -0.36 -5.51
C PHE A 7 3.62 0.05 -4.18
N ASP A 8 2.29 0.04 -4.11
CA ASP A 8 1.62 -0.11 -2.83
C ASP A 8 1.92 -1.53 -2.31
N LEU A 9 1.81 -1.74 -1.00
CA LEU A 9 2.06 -3.06 -0.40
C LEU A 9 0.77 -3.85 -0.21
N ASP A 10 -0.07 -3.41 0.72
CA ASP A 10 -1.29 -4.15 1.06
C ASP A 10 -2.26 -4.17 -0.11
N GLY A 11 -2.62 -5.37 -0.55
CA GLY A 11 -3.53 -5.56 -1.68
C GLY A 11 -2.86 -5.58 -3.04
N VAL A 12 -1.54 -5.41 -3.08
CA VAL A 12 -0.79 -5.47 -4.33
C VAL A 12 0.32 -6.52 -4.23
N ILE A 13 1.23 -6.34 -3.28
CA ILE A 13 2.30 -7.31 -3.05
C ILE A 13 1.86 -8.46 -2.16
N THR A 14 1.05 -8.16 -1.16
CA THR A 14 0.50 -9.16 -0.23
C THR A 14 -0.73 -8.61 0.46
N ASP A 15 -1.38 -9.44 1.27
CA ASP A 15 -2.56 -9.05 2.06
C ASP A 15 -2.14 -9.03 3.51
N THR A 16 -2.30 -7.87 4.13
CA THR A 16 -2.02 -7.68 5.55
CA THR A 16 -2.02 -7.70 5.54
C THR A 16 -3.32 -7.50 6.34
N ALA A 17 -4.44 -7.44 5.62
CA ALA A 17 -5.73 -7.03 6.21
C ALA A 17 -6.26 -7.91 7.35
N GLU A 18 -6.09 -9.22 7.27
CA GLU A 18 -6.57 -10.09 8.33
C GLU A 18 -5.78 -9.89 9.62
N TYR A 19 -4.48 -9.65 9.50
CA TYR A 19 -3.63 -9.37 10.65
C TYR A 19 -4.03 -8.06 11.31
N HIS A 20 -4.20 -7.03 10.49
CA HIS A 20 -4.64 -5.72 10.98
C HIS A 20 -6.00 -5.81 11.65
N PHE A 21 -6.91 -6.58 11.06
CA PHE A 21 -8.24 -6.76 11.61
C PHE A 21 -8.22 -7.37 13.01
N ARG A 22 -7.53 -8.50 13.15
CA ARG A 22 -7.43 -9.16 14.45
C ARG A 22 -6.84 -8.24 15.51
N ALA A 23 -5.84 -7.46 15.13
CA ALA A 23 -5.16 -6.55 16.04
C ALA A 23 -6.07 -5.38 16.45
N TRP A 24 -6.76 -4.76 15.50
CA TRP A 24 -7.69 -3.66 15.82
C TRP A 24 -8.88 -4.15 16.63
N LYS A 25 -9.40 -5.33 16.30
CA LYS A 25 -10.53 -5.92 17.03
C LYS A 25 -10.14 -6.17 18.48
N ALA A 26 -8.95 -6.77 18.68
CA ALA A 26 -8.43 -7.02 20.03
C ALA A 26 -8.30 -5.71 20.83
N LEU A 27 -7.81 -4.66 20.18
CA LEU A 27 -7.69 -3.36 20.82
C LEU A 27 -9.07 -2.79 21.20
N ALA A 28 -10.00 -2.82 20.25
CA ALA A 28 -11.37 -2.36 20.48
C ALA A 28 -12.03 -3.10 21.66
N GLU A 29 -11.87 -4.41 21.70
CA GLU A 29 -12.42 -5.22 22.79
C GLU A 29 -11.76 -4.92 24.13
N GLU A 30 -10.47 -4.59 24.10
CA GLU A 30 -9.72 -4.23 25.30
C GLU A 30 -10.23 -2.94 25.93
N ILE A 31 -10.64 -1.98 25.11
CA ILE A 31 -11.12 -0.69 25.63
C ILE A 31 -12.65 -0.61 25.69
N GLY A 32 -13.33 -1.68 25.28
CA GLY A 32 -14.77 -1.79 25.44
C GLY A 32 -15.59 -1.11 24.36
N ILE A 33 -15.05 -1.08 23.14
CA ILE A 33 -15.75 -0.48 22.00
C ILE A 33 -16.38 -1.56 21.12
N ASN A 34 -17.66 -1.37 20.80
CA ASN A 34 -18.37 -2.23 19.86
C ASN A 34 -18.31 -1.66 18.44
N GLY A 35 -18.36 -2.54 17.45
CA GLY A 35 -18.52 -2.13 16.06
C GLY A 35 -17.38 -2.51 15.12
N VAL A 36 -16.24 -2.91 15.66
CA VAL A 36 -15.10 -3.29 14.83
C VAL A 36 -15.29 -4.72 14.31
N ASP A 37 -16.09 -4.84 13.25
CA ASP A 37 -16.35 -6.12 12.60
C ASP A 37 -15.81 -6.11 11.17
N ARG A 38 -15.98 -7.21 10.45
CA ARG A 38 -15.41 -7.35 9.10
C ARG A 38 -15.96 -6.30 8.10
N GLN A 39 -17.16 -5.81 8.34
CA GLN A 39 -17.76 -4.76 7.50
C GLN A 39 -17.02 -3.44 7.75
N PHE A 40 -16.87 -3.10 9.02
CA PHE A 40 -16.16 -1.88 9.42
C PHE A 40 -14.70 -1.89 8.98
N ASN A 41 -14.07 -3.07 9.02
CA ASN A 41 -12.65 -3.22 8.66
C ASN A 41 -12.35 -2.81 7.21
N GLU A 42 -13.34 -2.90 6.34
CA GLU A 42 -13.20 -2.45 4.95
C GLU A 42 -12.92 -0.95 4.85
N GLN A 43 -13.49 -0.16 5.77
CA GLN A 43 -13.23 1.27 5.85
C GLN A 43 -11.78 1.59 6.23
N LEU A 44 -11.13 0.67 6.93
CA LEU A 44 -9.74 0.85 7.36
C LEU A 44 -8.72 0.39 6.32
N LYS A 45 -9.19 -0.17 5.21
CA LYS A 45 -8.33 -0.68 4.14
C LYS A 45 -7.54 0.44 3.48
N GLY A 46 -6.22 0.35 3.55
CA GLY A 46 -5.33 1.37 2.98
C GLY A 46 -5.17 2.62 3.84
N VAL A 47 -5.86 2.66 4.99
CA VAL A 47 -5.86 3.82 5.87
C VAL A 47 -4.69 3.75 6.85
N SER A 48 -4.14 4.91 7.21
CA SER A 48 -3.00 4.97 8.13
C SER A 48 -3.39 4.46 9.52
N ARG A 49 -2.37 4.12 10.31
CA ARG A 49 -2.58 3.59 11.66
C ARG A 49 -3.36 4.58 12.53
N GLU A 50 -2.98 5.85 12.46
CA GLU A 50 -3.55 6.88 13.31
C GLU A 50 -4.99 7.19 12.89
N ASP A 51 -5.21 7.30 11.58
CA ASP A 51 -6.56 7.52 11.04
C ASP A 51 -7.47 6.33 11.32
N SER A 52 -6.91 5.11 11.30
CA SER A 52 -7.67 3.91 11.64
C SER A 52 -8.12 3.93 13.10
N LEU A 53 -7.21 4.26 14.01
CA LEU A 53 -7.55 4.35 15.43
C LEU A 53 -8.63 5.41 15.67
N GLN A 54 -8.51 6.55 14.99
CA GLN A 54 -9.48 7.62 15.13
C GLN A 54 -10.88 7.16 14.70
N LYS A 55 -10.96 6.41 13.61
CA LYS A 55 -12.23 5.84 13.14
C LYS A 55 -12.85 4.88 14.17
N ILE A 56 -12.01 4.11 14.85
CA ILE A 56 -12.47 3.16 15.87
C ILE A 56 -13.00 3.88 17.11
N LEU A 57 -12.29 4.93 17.52
CA LEU A 57 -12.74 5.75 18.65
C LEU A 57 -14.07 6.47 18.37
N ASP A 58 -14.38 6.70 17.09
CA ASP A 58 -15.64 7.33 16.68
C ASP A 58 -16.81 6.35 16.58
N LEU A 59 -16.53 5.05 16.62
CA LEU A 59 -17.59 4.05 16.87
C LEU A 59 -18.28 4.56 18.12
N ALA A 60 -17.52 4.64 19.21
CA ALA A 60 -17.52 5.82 20.07
C ALA A 60 -18.58 5.94 21.16
N ASP A 61 -18.78 7.18 21.63
CA ASP A 61 -18.11 8.38 21.09
C ASP A 61 -16.91 8.79 21.95
N LYS A 62 -15.79 8.13 21.71
CA LYS A 62 -14.71 8.10 22.69
C LYS A 62 -13.69 9.20 22.50
N LYS A 63 -13.45 9.94 23.59
CA LYS A 63 -12.40 10.95 23.67
C LYS A 63 -11.26 10.43 24.52
N VAL A 64 -10.03 10.69 24.09
CA VAL A 64 -8.83 10.28 24.82
C VAL A 64 -7.77 11.38 24.73
N SER A 65 -6.81 11.35 25.65
CA SER A 65 -5.70 12.31 25.62
C SER A 65 -4.77 11.97 24.46
N ALA A 66 -3.95 12.94 24.07
CA ALA A 66 -2.98 12.74 22.98
C ALA A 66 -2.03 11.58 23.28
N GLU A 67 -1.61 11.47 24.53
CA GLU A 67 -0.71 10.40 24.96
C GLU A 67 -1.42 9.05 25.07
N GLU A 68 -2.67 9.05 25.50
CA GLU A 68 -3.49 7.83 25.50
C GLU A 68 -3.67 7.32 24.08
N PHE A 69 -3.92 8.23 23.13
CA PHE A 69 -4.05 7.90 21.71
C PHE A 69 -2.79 7.20 21.19
N LYS A 70 -1.63 7.76 21.52
CA LYS A 70 -0.35 7.19 21.07
C LYS A 70 -0.11 5.81 21.69
N GLU A 71 -0.48 5.64 22.95
CA GLU A 71 -0.32 4.36 23.64
C GLU A 71 -1.21 3.27 23.02
N LEU A 72 -2.44 3.63 22.68
CA LEU A 72 -3.38 2.70 22.05
C LEU A 72 -2.85 2.23 20.69
N ALA A 73 -2.38 3.17 19.87
CA ALA A 73 -1.78 2.83 18.59
C ALA A 73 -0.57 1.91 18.75
N LYS A 74 0.27 2.20 19.74
CA LYS A 74 1.45 1.38 20.04
C LYS A 74 1.05 -0.05 20.44
N ARG A 75 0.03 -0.15 21.30
CA ARG A 75 -0.48 -1.45 21.74
C ARG A 75 -0.90 -2.31 20.55
N LYS A 76 -1.73 -1.74 19.68
CA LYS A 76 -2.20 -2.47 18.50
C LYS A 76 -1.03 -2.85 17.59
N ASN A 77 -0.12 -1.92 17.35
CA ASN A 77 1.03 -2.23 16.49
C ASN A 77 1.90 -3.34 17.06
N ASP A 78 2.12 -3.33 18.36
CA ASP A 78 2.92 -4.37 19.02
C ASP A 78 2.30 -5.75 18.79
N ASN A 79 0.98 -5.82 18.89
CA ASN A 79 0.27 -7.07 18.63
C ASN A 79 0.37 -7.47 17.15
N TYR A 80 0.16 -6.51 16.26
CA TYR A 80 0.27 -6.73 14.82
C TYR A 80 1.64 -7.28 14.44
N VAL A 81 2.69 -6.68 14.99
CA VAL A 81 4.07 -7.10 14.71
C VAL A 81 4.34 -8.53 15.16
N LYS A 82 3.80 -8.93 16.32
CA LYS A 82 3.93 -10.32 16.75
C LYS A 82 3.31 -11.27 15.72
N MET A 83 2.16 -10.88 15.18
CA MET A 83 1.42 -11.76 14.29
CA MET A 83 1.38 -11.71 14.25
C MET A 83 2.07 -11.88 12.90
N ILE A 84 2.71 -10.83 12.42
CA ILE A 84 3.35 -10.89 11.08
C ILE A 84 4.73 -11.55 11.07
N GLN A 85 5.18 -12.08 12.22
CA GLN A 85 6.45 -12.79 12.26
C GLN A 85 6.49 -14.03 11.36
N ASP A 86 5.31 -14.61 11.07
CA ASP A 86 5.26 -15.80 10.22
C ASP A 86 4.88 -15.52 8.76
N VAL A 87 4.84 -14.25 8.37
CA VAL A 87 4.73 -13.90 6.95
C VAL A 87 5.94 -14.49 6.23
N SER A 88 5.73 -15.00 5.02
CA SER A 88 6.77 -15.75 4.29
C SER A 88 6.68 -15.45 2.81
N PRO A 89 7.65 -15.95 2.02
CA PRO A 89 7.58 -15.77 0.57
C PRO A 89 6.32 -16.37 -0.08
N ALA A 90 5.68 -17.33 0.57
CA ALA A 90 4.45 -17.91 0.06
C ALA A 90 3.29 -16.92 0.06
N ASP A 91 3.44 -15.81 0.79
CA ASP A 91 2.40 -14.80 0.89
C ASP A 91 2.49 -13.72 -0.19
N VAL A 92 3.53 -13.77 -1.02
CA VAL A 92 3.62 -12.86 -2.16
C VAL A 92 2.48 -13.17 -3.14
N TYR A 93 1.79 -12.12 -3.57
CA TYR A 93 0.63 -12.26 -4.43
C TYR A 93 1.00 -12.83 -5.80
N PRO A 94 0.03 -13.47 -6.47
CA PRO A 94 0.27 -14.08 -7.78
C PRO A 94 0.85 -13.09 -8.78
N GLY A 95 1.90 -13.51 -9.50
CA GLY A 95 2.53 -12.70 -10.54
C GLY A 95 3.55 -11.67 -10.07
N ILE A 96 3.54 -11.33 -8.78
CA ILE A 96 4.33 -10.21 -8.30
C ILE A 96 5.83 -10.49 -8.30
N LEU A 97 6.23 -11.69 -7.88
CA LEU A 97 7.65 -12.03 -7.87
C LEU A 97 8.24 -11.99 -9.28
N GLN A 98 7.55 -12.55 -10.26
CA GLN A 98 8.07 -12.53 -11.62
C GLN A 98 8.10 -11.12 -12.19
N LEU A 99 7.10 -10.30 -11.85
CA LEU A 99 7.10 -8.90 -12.26
C LEU A 99 8.33 -8.18 -11.73
N LEU A 100 8.60 -8.35 -10.44
CA LEU A 100 9.78 -7.74 -9.81
C LEU A 100 11.08 -8.19 -10.49
N LYS A 101 11.18 -9.48 -10.78
CA LYS A 101 12.35 -10.01 -11.48
C LYS A 101 12.51 -9.39 -12.85
N ASP A 102 11.41 -9.27 -13.60
CA ASP A 102 11.44 -8.72 -14.95
C ASP A 102 11.75 -7.22 -14.96
N LEU A 103 11.19 -6.48 -14.03
CA LEU A 103 11.53 -5.06 -13.88
C LEU A 103 13.02 -4.88 -13.60
N ARG A 104 13.54 -5.67 -12.66
CA ARG A 104 14.96 -5.58 -12.29
C ARG A 104 15.86 -5.92 -13.47
N SER A 105 15.52 -7.00 -14.18
CA SER A 105 16.31 -7.44 -15.33
C SER A 105 16.39 -6.36 -16.41
N ASN A 106 15.32 -5.60 -16.56
CA ASN A 106 15.24 -4.52 -17.55
C ASN A 106 15.66 -3.15 -17.01
N LYS A 107 16.25 -3.13 -15.80
CA LYS A 107 16.77 -1.93 -15.16
C LYS A 107 15.71 -0.83 -14.95
N ILE A 108 14.49 -1.28 -14.66
CA ILE A 108 13.40 -0.38 -14.28
CA ILE A 108 13.41 -0.39 -14.28
C ILE A 108 13.38 -0.30 -12.76
N LYS A 109 13.34 0.92 -12.23
CA LYS A 109 13.40 1.15 -10.79
C LYS A 109 12.14 0.64 -10.11
N ILE A 110 12.32 0.16 -8.88
CA ILE A 110 11.26 -0.43 -8.07
C ILE A 110 11.26 0.29 -6.72
N ALA A 111 10.13 0.91 -6.39
CA ALA A 111 10.02 1.64 -5.13
C ALA A 111 8.74 1.25 -4.40
N LEU A 112 8.78 1.26 -3.07
CA LEU A 112 7.59 1.02 -2.26
C LEU A 112 6.94 2.34 -1.86
N ALA A 113 5.62 2.44 -2.07
CA ALA A 113 4.83 3.61 -1.69
C ALA A 113 3.64 3.15 -0.86
N SER A 114 3.95 2.49 0.26
CA SER A 114 2.95 1.95 1.17
C SER A 114 2.73 2.88 2.36
N ALA A 115 1.51 2.89 2.88
CA ALA A 115 1.19 3.60 4.13
C ALA A 115 1.75 2.89 5.36
N SER A 116 2.14 1.62 5.20
CA SER A 116 2.60 0.80 6.33
C SER A 116 4.02 1.15 6.77
N LYS A 117 4.16 1.50 8.04
CA LYS A 117 5.48 1.69 8.63
C LYS A 117 6.18 0.35 8.88
N ASN A 118 5.44 -0.75 8.71
CA ASN A 118 6.01 -2.09 8.79
C ASN A 118 6.44 -2.66 7.43
N GLY A 119 6.45 -1.81 6.40
CA GLY A 119 6.79 -2.23 5.05
C GLY A 119 8.14 -2.89 4.89
N PRO A 120 9.22 -2.27 5.40
CA PRO A 120 10.53 -2.90 5.28
C PRO A 120 10.60 -4.32 5.86
N PHE A 121 10.04 -4.53 7.05
CA PHE A 121 10.05 -5.85 7.66
C PHE A 121 9.24 -6.85 6.84
N LEU A 122 8.08 -6.41 6.32
CA LEU A 122 7.25 -7.29 5.51
C LEU A 122 7.96 -7.72 4.23
N LEU A 123 8.65 -6.78 3.58
CA LEU A 123 9.45 -7.12 2.40
C LEU A 123 10.55 -8.13 2.73
N GLU A 124 11.15 -7.99 3.90
CA GLU A 124 12.17 -8.94 4.35
C GLU A 124 11.57 -10.34 4.59
N ARG A 125 10.41 -10.38 5.25
CA ARG A 125 9.71 -11.65 5.49
C ARG A 125 9.41 -12.38 4.19
N MET A 126 9.09 -11.62 3.14
CA MET A 126 8.74 -12.19 1.85
C MET A 126 9.94 -12.40 0.92
N ASN A 127 11.14 -12.12 1.44
CA ASN A 127 12.39 -12.22 0.68
CA ASN A 127 12.39 -12.22 0.67
C ASN A 127 12.40 -11.33 -0.58
N LEU A 128 11.86 -10.12 -0.44
CA LEU A 128 11.78 -9.17 -1.56
C LEU A 128 12.69 -7.97 -1.41
N THR A 129 13.40 -7.85 -0.28
CA THR A 129 14.22 -6.68 0.04
C THR A 129 15.14 -6.25 -1.10
N GLY A 130 15.81 -7.23 -1.71
CA GLY A 130 16.80 -6.96 -2.76
C GLY A 130 16.24 -6.33 -4.03
N TYR A 131 14.96 -6.53 -4.28
CA TYR A 131 14.33 -5.97 -5.49
C TYR A 131 14.05 -4.49 -5.38
N PHE A 132 13.91 -3.98 -4.16
CA PHE A 132 13.47 -2.60 -3.96
C PHE A 132 14.64 -1.63 -3.93
N ASP A 133 14.65 -0.72 -4.90
CA ASP A 133 15.66 0.32 -4.97
C ASP A 133 15.49 1.34 -3.85
N ALA A 134 14.25 1.53 -3.40
CA ALA A 134 13.98 2.42 -2.28
C ALA A 134 12.60 2.15 -1.69
N ILE A 135 12.43 2.60 -0.45
CA ILE A 135 11.15 2.53 0.26
C ILE A 135 10.81 3.93 0.75
N ALA A 136 9.70 4.49 0.28
CA ALA A 136 9.24 5.79 0.76
C ALA A 136 8.75 5.63 2.19
N ASP A 137 9.20 6.51 3.08
CA ASP A 137 8.88 6.41 4.50
C ASP A 137 7.57 7.13 4.84
N PRO A 138 6.51 6.38 5.20
CA PRO A 138 5.25 6.94 5.68
C PRO A 138 5.39 7.98 6.77
N ALA A 139 6.33 7.78 7.69
CA ALA A 139 6.55 8.67 8.81
C ALA A 139 7.14 10.03 8.38
N GLU A 140 7.68 10.10 7.17
CA GLU A 140 8.19 11.38 6.60
C GLU A 140 7.37 11.92 5.47
N VAL A 141 6.13 11.48 5.35
CA VAL A 141 5.22 12.15 4.50
C VAL A 141 4.00 12.23 5.35
N ALA A 142 3.33 13.36 5.28
CA ALA A 142 1.90 13.27 5.45
C ALA A 142 1.26 14.59 5.66
N ALA A 143 0.04 14.72 5.14
CA ALA A 143 -0.50 13.96 3.97
C ALA A 143 -0.42 12.43 3.75
N SER A 144 -1.41 11.69 4.25
N SER A 144 -1.42 11.71 4.25
CA SER A 144 -1.64 10.31 3.80
CA SER A 144 -1.72 10.34 3.83
C SER A 144 -2.39 10.36 2.47
C SER A 144 -2.40 10.37 2.46
N LYS A 145 -2.49 9.22 1.81
CA LYS A 145 -3.30 9.09 0.59
C LYS A 145 -4.72 9.54 0.93
N PRO A 146 -5.41 10.27 0.03
CA PRO A 146 -5.13 10.52 -1.39
C PRO A 146 -4.12 11.62 -1.73
N ALA A 147 -3.48 12.23 -0.73
CA ALA A 147 -2.40 13.17 -1.04
C ALA A 147 -1.32 12.42 -1.82
N PRO A 148 -0.73 13.07 -2.84
CA PRO A 148 0.24 12.40 -3.71
C PRO A 148 1.64 12.21 -3.11
N ASP A 149 1.86 12.80 -1.93
CA ASP A 149 3.20 12.90 -1.33
C ASP A 149 4.01 11.60 -1.29
N ILE A 150 3.38 10.51 -0.88
CA ILE A 150 4.10 9.22 -0.73
C ILE A 150 4.57 8.69 -2.10
N PHE A 151 3.77 8.90 -3.14
CA PHE A 151 4.18 8.48 -4.49
C PHE A 151 5.25 9.39 -5.08
N ILE A 152 5.16 10.69 -4.80
CA ILE A 152 6.19 11.63 -5.22
C ILE A 152 7.51 11.25 -4.54
N ALA A 153 7.45 10.98 -3.25
CA ALA A 153 8.64 10.56 -2.49
C ALA A 153 9.25 9.27 -3.03
N ALA A 154 8.40 8.30 -3.36
CA ALA A 154 8.85 7.01 -3.87
C ALA A 154 9.57 7.19 -5.20
N ALA A 155 9.00 8.00 -6.09
CA ALA A 155 9.62 8.29 -7.39
C ALA A 155 10.96 8.97 -7.21
N HIS A 156 10.98 10.02 -6.40
CA HIS A 156 12.21 10.78 -6.15
C HIS A 156 13.29 9.94 -5.44
N ALA A 157 12.85 8.99 -4.61
CA ALA A 157 13.76 8.09 -3.91
C ALA A 157 14.59 7.22 -4.87
N VAL A 158 14.08 6.99 -6.08
CA VAL A 158 14.81 6.21 -7.10
C VAL A 158 15.24 7.08 -8.30
N GLY A 159 15.20 8.41 -8.12
CA GLY A 159 15.77 9.34 -9.09
C GLY A 159 14.94 9.60 -10.34
N VAL A 160 13.64 9.35 -10.24
CA VAL A 160 12.75 9.55 -11.39
CA VAL A 160 12.71 9.47 -11.37
C VAL A 160 11.58 10.46 -11.04
N ALA A 161 11.03 11.11 -12.05
CA ALA A 161 9.86 11.95 -11.87
C ALA A 161 8.65 11.02 -11.86
N PRO A 162 7.61 11.36 -11.06
CA PRO A 162 6.37 10.59 -11.14
C PRO A 162 5.83 10.43 -12.56
N SER A 163 5.99 11.46 -13.41
CA SER A 163 5.57 11.40 -14.81
C SER A 163 6.21 10.26 -15.61
N GLU A 164 7.35 9.77 -15.12
CA GLU A 164 8.09 8.68 -15.74
C GLU A 164 7.79 7.34 -15.07
N SER A 165 6.75 7.30 -14.24
CA SER A 165 6.46 6.13 -13.39
C SER A 165 5.06 5.58 -13.56
N ILE A 166 4.93 4.28 -13.29
CA ILE A 166 3.62 3.63 -13.11
C ILE A 166 3.43 3.37 -11.62
N GLY A 167 2.21 3.59 -11.14
CA GLY A 167 1.84 3.25 -9.76
C GLY A 167 0.82 2.12 -9.73
N LEU A 168 1.02 1.16 -8.83
CA LEU A 168 0.12 0.03 -8.66
C LEU A 168 -0.59 0.11 -7.31
N GLU A 169 -1.92 0.05 -7.33
CA GLU A 169 -2.76 0.29 -6.14
C GLU A 169 -4.06 -0.51 -6.16
N ASP A 170 -4.59 -0.77 -4.97
CA ASP A 170 -5.85 -1.50 -4.79
C ASP A 170 -6.95 -0.65 -4.14
N SER A 171 -6.69 0.65 -3.90
CA SER A 171 -7.63 1.51 -3.16
C SER A 171 -7.93 2.82 -3.91
N GLN A 172 -9.12 3.36 -3.66
CA GLN A 172 -9.55 4.65 -4.22
C GLN A 172 -8.56 5.77 -3.90
N ALA A 173 -8.19 5.89 -2.61
CA ALA A 173 -7.30 6.96 -2.17
C ALA A 173 -5.93 6.82 -2.82
N GLY A 174 -5.45 5.58 -2.92
CA GLY A 174 -4.17 5.31 -3.57
C GLY A 174 -4.16 5.65 -5.04
N ILE A 175 -5.22 5.27 -5.75
CA ILE A 175 -5.35 5.60 -7.16
C ILE A 175 -5.33 7.12 -7.36
N GLN A 176 -6.07 7.85 -6.53
CA GLN A 176 -6.10 9.31 -6.61
C GLN A 176 -4.72 9.92 -6.29
N ALA A 177 -4.02 9.34 -5.31
CA ALA A 177 -2.67 9.77 -4.98
C ALA A 177 -1.72 9.61 -6.17
N ILE A 178 -1.81 8.48 -6.86
CA ILE A 178 -0.99 8.25 -8.05
C ILE A 178 -1.29 9.31 -9.12
N LYS A 179 -2.57 9.50 -9.43
CA LYS A 179 -2.99 10.52 -10.41
C LYS A 179 -2.41 11.89 -10.10
N ASP A 180 -2.56 12.32 -8.86
CA ASP A 180 -2.17 13.67 -8.46
C ASP A 180 -0.64 13.83 -8.34
N SER A 181 0.08 12.72 -8.33
CA SER A 181 1.54 12.78 -8.41
C SER A 181 2.02 13.00 -9.85
N GLY A 182 1.20 12.62 -10.83
CA GLY A 182 1.59 12.66 -12.23
C GLY A 182 1.94 11.29 -12.81
N ALA A 183 2.06 10.28 -11.95
CA ALA A 183 2.33 8.91 -12.40
C ALA A 183 1.07 8.29 -13.00
N LEU A 184 1.27 7.16 -13.69
CA LEU A 184 0.18 6.45 -14.34
C LEU A 184 -0.33 5.33 -13.44
N PRO A 185 -1.60 5.39 -13.01
CA PRO A 185 -2.09 4.30 -12.18
C PRO A 185 -2.57 3.09 -12.98
N ILE A 186 -2.30 1.91 -12.47
CA ILE A 186 -2.97 0.70 -12.94
C ILE A 186 -3.53 0.01 -11.69
N GLY A 187 -4.84 -0.05 -11.58
CA GLY A 187 -5.49 -0.56 -10.39
C GLY A 187 -5.70 -2.06 -10.44
N VAL A 188 -5.76 -2.69 -9.27
CA VAL A 188 -6.12 -4.10 -9.16
C VAL A 188 -7.36 -4.24 -8.28
N GLY A 189 -8.37 -4.93 -8.83
CA GLY A 189 -9.64 -5.14 -8.14
C GLY A 189 -10.82 -4.75 -8.99
N ARG A 190 -11.92 -4.39 -8.34
CA ARG A 190 -13.13 -3.95 -9.02
C ARG A 190 -13.10 -2.45 -9.25
N PRO A 191 -13.58 -1.97 -10.42
CA PRO A 191 -13.54 -0.53 -10.70
C PRO A 191 -14.17 0.36 -9.62
N GLU A 192 -15.23 -0.12 -8.96
CA GLU A 192 -15.91 0.70 -7.96
CA GLU A 192 -15.94 0.64 -7.92
C GLU A 192 -15.05 0.91 -6.70
N ASP A 193 -14.02 0.07 -6.53
CA ASP A 193 -13.07 0.19 -5.43
C ASP A 193 -11.78 0.93 -5.82
N LEU A 194 -11.71 1.43 -7.05
CA LEU A 194 -10.47 1.97 -7.59
C LEU A 194 -10.64 3.38 -8.13
N GLY A 195 -11.51 3.53 -9.11
CA GLY A 195 -11.76 4.83 -9.71
C GLY A 195 -11.98 4.73 -11.20
N ASP A 196 -11.95 5.90 -11.86
CA ASP A 196 -12.29 6.04 -13.26
C ASP A 196 -11.11 6.50 -14.09
N ASP A 197 -11.22 6.34 -15.40
CA ASP A 197 -10.23 6.85 -16.36
C ASP A 197 -8.87 6.17 -16.19
N ILE A 198 -8.88 4.93 -15.69
CA ILE A 198 -7.65 4.17 -15.47
C ILE A 198 -7.78 2.74 -15.97
N VAL A 199 -6.64 2.13 -16.28
CA VAL A 199 -6.61 0.71 -16.59
C VAL A 199 -6.74 -0.06 -15.29
N ILE A 200 -7.56 -1.12 -15.33
CA ILE A 200 -7.84 -1.94 -14.16
C ILE A 200 -7.71 -3.42 -14.51
N VAL A 201 -7.02 -4.17 -13.65
CA VAL A 201 -6.91 -5.63 -13.79
C VAL A 201 -7.65 -6.29 -12.61
N PRO A 202 -8.24 -7.47 -12.85
CA PRO A 202 -9.04 -8.07 -11.78
C PRO A 202 -8.20 -8.66 -10.64
N ASP A 203 -6.98 -9.07 -10.94
CA ASP A 203 -6.05 -9.59 -9.94
C ASP A 203 -4.62 -9.39 -10.41
N THR A 204 -3.67 -9.63 -9.50
CA THR A 204 -2.26 -9.31 -9.78
C THR A 204 -1.57 -10.23 -10.78
N SER A 205 -2.19 -11.38 -11.12
CA SER A 205 -1.64 -12.24 -12.17
C SER A 205 -1.57 -11.52 -13.53
N HIS A 206 -2.38 -10.46 -13.68
CA HIS A 206 -2.38 -9.63 -14.88
C HIS A 206 -1.27 -8.58 -14.92
N TYR A 207 -0.63 -8.35 -13.78
CA TYR A 207 0.48 -7.40 -13.73
C TYR A 207 1.73 -8.07 -14.29
N THR A 208 1.93 -7.97 -15.60
CA THR A 208 3.13 -8.47 -16.25
C THR A 208 3.87 -7.29 -16.86
N LEU A 209 5.17 -7.45 -17.09
CA LEU A 209 5.96 -6.37 -17.71
C LEU A 209 5.39 -6.04 -19.08
N GLU A 210 5.05 -7.08 -19.84
CA GLU A 210 4.45 -6.92 -21.17
C GLU A 210 3.19 -6.04 -21.10
N PHE A 211 2.31 -6.31 -20.15
CA PHE A 211 1.06 -5.55 -20.02
C PHE A 211 1.33 -4.10 -19.60
N LEU A 212 2.22 -3.90 -18.63
CA LEU A 212 2.59 -2.54 -18.20
C LEU A 212 3.12 -1.72 -19.37
N LYS A 213 3.96 -2.34 -20.21
CA LYS A 213 4.51 -1.69 -21.40
C LYS A 213 3.41 -1.28 -22.39
N GLU A 214 2.47 -2.19 -22.61
CA GLU A 214 1.35 -1.93 -23.51
C GLU A 214 0.48 -0.79 -22.98
N VAL A 215 0.14 -0.84 -21.70
CA VAL A 215 -0.64 0.23 -21.07
C VAL A 215 0.10 1.57 -21.12
N TRP A 216 1.41 1.56 -20.85
CA TRP A 216 2.20 2.78 -20.92
C TRP A 216 2.05 3.43 -22.29
N LEU A 217 2.25 2.67 -23.36
CA LEU A 217 2.17 3.19 -24.72
C LEU A 217 0.77 3.71 -25.05
N GLN A 218 -0.26 3.03 -24.55
CA GLN A 218 -1.65 3.47 -24.72
C GLN A 218 -1.94 4.83 -24.09
N LYS A 219 -1.19 5.19 -23.06
CA LYS A 219 -1.41 6.42 -22.31
C LYS A 219 -0.39 7.53 -22.62
N GLN A 220 0.35 7.36 -23.73
CA GLN A 220 1.25 8.40 -24.22
CA GLN A 220 1.26 8.38 -24.25
C GLN A 220 0.62 9.08 -25.43
N LYS A 221 0.85 10.40 -25.54
CA LYS A 221 0.35 11.18 -26.66
C LYS A 221 1.54 11.82 -27.39
MG MG B . -3.28 -1.06 -0.54
C1 G6P C . -1.91 -0.24 4.74
C2 G6P C . -3.14 -1.12 5.21
C3 G6P C . -3.82 -0.45 6.43
C4 G6P C . -2.85 -0.11 7.50
C5 G6P C . -1.68 0.79 7.01
C6 G6P C . -0.70 1.24 8.02
O1 G6P C . -2.19 0.80 4.00
O2 G6P C . -3.96 -1.34 4.21
O3 G6P C . -4.88 -1.29 6.87
O4 G6P C . -3.51 0.55 8.58
O5 G6P C . -1.02 0.11 5.88
O6 G6P C . 0.00 0.05 8.49
P G6P C . 0.93 0.09 9.79
O1P G6P C . 1.69 -1.26 9.67
O2P G6P C . 2.00 1.36 9.75
O3P G6P C . 0.04 0.19 11.06
C1 BG6 D . -1.91 -0.24 4.74
C2 BG6 D . -3.14 -1.12 5.21
O1 BG6 D . -1.06 -0.77 3.98
O5 BG6 D . -1.02 0.11 5.88
C3 BG6 D . -3.82 -0.45 6.43
O2 BG6 D . -3.96 -1.34 4.21
C4 BG6 D . -2.85 -0.11 7.50
O3 BG6 D . -4.88 -1.29 6.87
C5 BG6 D . -1.68 0.79 7.01
O4 BG6 D . -3.51 0.55 8.58
C6 BG6 D . -0.70 1.24 8.02
O6 BG6 D . 0.00 0.05 8.49
P BG6 D . 0.93 0.09 9.79
O1P BG6 D . 1.69 -1.26 9.67
O2P BG6 D . 2.00 1.36 9.75
O3P BG6 D . 0.04 0.19 11.06
BE BEF E . -0.66 0.12 0.91
F1 BEF E . -0.64 1.51 1.69
F2 BEF E . 0.38 -0.76 1.49
F3 BEF E . -2.10 -0.52 0.94
NA NA F . 1.98 -19.13 5.93
#